data_3P0N
#
_entry.id   3P0N
#
_cell.length_a   91.300
_cell.length_b   98.214
_cell.length_c   118.684
_cell.angle_alpha   90.00
_cell.angle_beta   90.00
_cell.angle_gamma   90.00
#
_symmetry.space_group_name_H-M   'C 2 2 21'
#
loop_
_entity.id
_entity.type
_entity.pdbx_description
1 polymer Tankyrase-2
2 non-polymer 'ZINC ION'
3 non-polymer 7-bromopyrrolo[1,2-a]quinoxalin-4(5H)-one
4 non-polymer 'SULFATE ION'
5 non-polymer GLYCEROL
6 water water
#
_entity_poly.entity_id   1
_entity_poly.type   'polypeptide(L)'
_entity_poly.pdbx_seq_one_letter_code
;MHHHHHHSSGVDLGTENLYFQSMLNTSGSGTILIDLSPDDKEFQSVEEEMQSTVREHRDGGHAGGIFNRYNILKIQKVCN
KKLWERYTHRRKEVSEENHNHANERMLFHGSPFVNAIIHKGFDERHAYIGGMFGAGIYFAENSSKSNQYVYGIGGGTGCP
VHKDRSCYICHRQLLFCRVTLGKSFLQFSAMKMAHSPPGHHSVTGRPSVNGLALAEYVIYRGEQAYPEYLITYQIMRPEG
;
_entity_poly.pdbx_strand_id   A,C
#
loop_
_chem_comp.id
_chem_comp.type
_chem_comp.name
_chem_comp.formula
BPU non-polymer 7-bromopyrrolo[1,2-a]quinoxalin-4(5H)-one 'C11 H7 Br N2 O'
GOL non-polymer GLYCEROL 'C3 H8 O3'
SO4 non-polymer 'SULFATE ION' 'O4 S -2'
ZN non-polymer 'ZINC ION' 'Zn 2'
#
# COMPACT_ATOMS: atom_id res chain seq x y z
N GLY A 30 26.69 -6.36 -25.86
CA GLY A 30 26.05 -7.34 -26.77
C GLY A 30 24.62 -6.94 -27.14
N THR A 31 24.13 -5.79 -26.64
CA THR A 31 22.74 -5.45 -26.87
C THR A 31 22.64 -4.61 -28.13
N ILE A 32 21.70 -4.99 -28.98
CA ILE A 32 21.33 -4.19 -30.14
C ILE A 32 19.86 -3.82 -29.95
N LEU A 33 19.51 -2.58 -30.32
CA LEU A 33 18.15 -2.09 -30.32
C LEU A 33 17.68 -1.92 -31.75
N ILE A 34 16.56 -2.56 -32.10
CA ILE A 34 15.97 -2.39 -33.42
C ILE A 34 14.69 -1.65 -33.37
N ASP A 35 14.61 -0.53 -34.07
CA ASP A 35 13.37 0.24 -34.15
C ASP A 35 12.27 -0.48 -34.87
N LEU A 36 11.08 -0.49 -34.30
CA LEU A 36 9.94 -1.00 -34.99
C LEU A 36 9.24 0.12 -35.67
N SER A 37 8.82 -0.16 -36.89
CA SER A 37 7.95 0.78 -37.60
C SER A 37 6.56 0.89 -36.96
N PRO A 38 5.97 2.08 -36.94
CA PRO A 38 4.60 2.17 -36.46
C PRO A 38 3.60 1.36 -37.28
N ASP A 39 3.99 0.94 -38.50
CA ASP A 39 3.13 0.16 -39.37
C ASP A 39 3.26 -1.32 -39.12
N ASP A 40 4.16 -1.71 -38.24
CA ASP A 40 4.42 -3.12 -37.94
C ASP A 40 3.38 -3.54 -36.92
N LYS A 41 2.76 -4.71 -37.16
CA LYS A 41 1.74 -5.22 -36.20
C LYS A 41 2.35 -5.44 -34.80
N GLU A 42 3.65 -5.68 -34.73
CA GLU A 42 4.31 -5.88 -33.46
C GLU A 42 4.41 -4.56 -32.68
N PHE A 43 4.68 -3.45 -33.37
CA PHE A 43 4.63 -2.11 -32.78
C PHE A 43 3.22 -1.85 -32.28
N GLN A 44 2.24 -2.19 -33.12
CA GLN A 44 0.88 -1.85 -32.80
C GLN A 44 0.32 -2.64 -31.61
N SER A 45 0.70 -3.90 -31.48
CA SER A 45 0.21 -4.72 -30.35
C SER A 45 0.86 -4.28 -28.99
N VAL A 46 2.14 -3.90 -29.04
CA VAL A 46 2.87 -3.34 -27.88
C VAL A 46 2.28 -1.99 -27.48
N GLU A 47 2.02 -1.09 -28.44
CA GLU A 47 1.39 0.18 -28.12
C GLU A 47 0.02 -0.04 -27.48
N GLU A 48 -0.77 -0.97 -28.03
CA GLU A 48 -2.11 -1.16 -27.49
C GLU A 48 -2.06 -1.68 -26.05
N GLU A 49 -1.12 -2.54 -25.72
CA GLU A 49 -0.97 -2.95 -24.34
C GLU A 49 -0.57 -1.81 -23.42
N MET A 50 0.35 -0.98 -23.88
CA MET A 50 0.69 0.24 -23.16
C MET A 50 -0.54 1.14 -22.84
N GLN A 51 -1.31 1.49 -23.86
CA GLN A 51 -2.34 2.48 -23.75
C GLN A 51 -3.51 1.88 -22.98
N SER A 52 -3.85 0.63 -23.24
CA SER A 52 -5.05 0.04 -22.70
C SER A 52 -4.96 -0.34 -21.23
N THR A 53 -3.75 -0.33 -20.66
CA THR A 53 -3.56 -0.73 -19.26
C THR A 53 -3.25 0.49 -18.40
N VAL A 54 -3.47 1.69 -18.91
CA VAL A 54 -3.47 2.89 -18.05
C VAL A 54 -4.68 2.87 -17.08
N ARG A 55 -4.48 3.25 -15.83
CA ARG A 55 -5.59 3.40 -14.91
C ARG A 55 -5.33 4.65 -14.10
N GLU A 56 -6.33 5.07 -13.33
CA GLU A 56 -6.11 6.10 -12.33
C GLU A 56 -5.48 5.47 -11.09
N HIS A 57 -4.68 6.27 -10.41
CA HIS A 57 -3.94 5.84 -9.23
C HIS A 57 -4.40 6.55 -8.00
N ARG A 58 -4.29 5.85 -6.87
CA ARG A 58 -4.88 6.34 -5.59
C ARG A 58 -4.11 7.54 -5.02
N ASP A 59 -2.89 7.78 -5.52
CA ASP A 59 -2.13 9.00 -5.18
C ASP A 59 -2.49 10.25 -5.97
N GLY A 60 -3.52 10.12 -6.76
CA GLY A 60 -4.05 11.23 -7.56
C GLY A 60 -3.04 11.77 -8.59
N GLY A 61 -2.05 10.95 -8.94
CA GLY A 61 -0.98 11.32 -9.87
C GLY A 61 0.32 11.75 -9.24
N HIS A 62 0.42 11.69 -7.92
CA HIS A 62 1.58 12.23 -7.25
C HIS A 62 2.89 11.59 -7.79
N ALA A 63 2.91 10.24 -7.90
CA ALA A 63 4.13 9.54 -8.23
C ALA A 63 4.44 9.62 -9.72
N GLY A 64 3.43 9.42 -10.55
CA GLY A 64 3.62 9.19 -11.97
C GLY A 64 3.15 10.29 -12.87
N GLY A 65 2.40 11.25 -12.32
CA GLY A 65 1.77 12.26 -13.12
C GLY A 65 0.31 12.07 -13.38
N ILE A 66 -0.32 13.13 -13.87
CA ILE A 66 -1.73 13.11 -14.23
C ILE A 66 -1.87 12.90 -15.71
N PHE A 67 -2.49 11.79 -16.10
CA PHE A 67 -2.72 11.48 -17.52
C PHE A 67 -3.66 10.29 -17.68
N ASN A 68 -4.26 10.18 -18.85
CA ASN A 68 -5.09 9.05 -19.24
C ASN A 68 -4.51 8.23 -20.37
N ARG A 69 -3.51 8.79 -21.04
CA ARG A 69 -2.92 8.11 -22.20
C ARG A 69 -1.53 8.63 -22.46
N TYR A 70 -0.81 7.97 -23.35
CA TYR A 70 0.55 8.33 -23.68
C TYR A 70 0.68 8.80 -25.14
N ASN A 71 1.73 9.58 -25.37
CA ASN A 71 2.27 9.78 -26.72
C ASN A 71 3.46 8.85 -26.89
N ILE A 72 3.29 7.78 -27.68
CA ILE A 72 4.37 6.83 -27.87
C ILE A 72 5.29 7.43 -28.94
N LEU A 73 6.55 7.56 -28.62
CA LEU A 73 7.54 8.15 -29.51
C LEU A 73 8.34 7.08 -30.25
N LYS A 74 8.64 5.96 -29.60
CA LYS A 74 9.46 4.95 -30.22
C LYS A 74 9.25 3.62 -29.50
N ILE A 75 9.28 2.51 -30.25
CA ILE A 75 9.32 1.18 -29.64
C ILE A 75 10.45 0.45 -30.30
N GLN A 76 11.43 0.03 -29.50
CA GLN A 76 12.56 -0.76 -29.94
C GLN A 76 12.55 -2.17 -29.39
N LYS A 77 12.88 -3.13 -30.23
CA LYS A 77 13.18 -4.50 -29.81
C LYS A 77 14.59 -4.61 -29.25
N VAL A 78 14.72 -5.25 -28.07
CA VAL A 78 15.94 -5.41 -27.39
C VAL A 78 16.49 -6.80 -27.69
N CYS A 79 17.68 -6.86 -28.28
CA CYS A 79 18.27 -8.13 -28.72
C CYS A 79 19.62 -8.31 -28.05
N ASN A 80 19.75 -9.37 -27.25
CA ASN A 80 21.00 -9.74 -26.65
C ASN A 80 21.02 -11.23 -26.46
N LYS A 81 21.85 -11.90 -27.23
CA LYS A 81 21.82 -13.35 -27.26
C LYS A 81 22.16 -13.93 -25.91
N LYS A 82 23.20 -13.43 -25.25
CA LYS A 82 23.60 -13.94 -23.93
C LYS A 82 22.47 -13.78 -22.89
N LEU A 83 21.84 -12.61 -22.85
CA LEU A 83 20.78 -12.39 -21.88
C LEU A 83 19.53 -13.28 -22.19
N TRP A 84 19.25 -13.48 -23.47
CA TRP A 84 18.10 -14.30 -23.91
C TRP A 84 18.35 -15.75 -23.51
N GLU A 85 19.57 -16.22 -23.68
CA GLU A 85 19.92 -17.59 -23.32
C GLU A 85 19.89 -17.81 -21.81
N ARG A 86 20.35 -16.82 -21.04
CA ARG A 86 20.20 -16.80 -19.60
C ARG A 86 18.70 -16.95 -19.18
N TYR A 87 17.85 -16.16 -19.83
CA TYR A 87 16.39 -16.23 -19.58
C TYR A 87 15.84 -17.62 -19.92
N THR A 88 16.13 -18.13 -21.11
CA THR A 88 15.53 -19.40 -21.52
C THR A 88 16.04 -20.59 -20.72
N HIS A 89 17.28 -20.52 -20.23
CA HIS A 89 17.84 -21.56 -19.39
C HIS A 89 17.05 -21.64 -18.06
N ARG A 90 16.82 -20.48 -17.45
CA ARG A 90 16.05 -20.45 -16.19
C ARG A 90 14.59 -20.80 -16.44
N ARG A 91 14.06 -20.42 -17.60
CA ARG A 91 12.69 -20.71 -17.93
C ARG A 91 12.42 -22.23 -17.96
N LYS A 92 13.35 -22.96 -18.58
CA LYS A 92 13.30 -24.42 -18.61
C LYS A 92 13.43 -25.03 -17.23
N GLU A 93 14.29 -24.51 -16.38
CA GLU A 93 14.37 -25.02 -15.02
C GLU A 93 13.02 -24.87 -14.28
N VAL A 94 12.40 -23.69 -14.42
CA VAL A 94 11.13 -23.45 -13.77
C VAL A 94 10.04 -24.36 -14.35
N SER A 95 9.95 -24.44 -15.67
CA SER A 95 8.98 -25.26 -16.37
C SER A 95 9.04 -26.70 -15.86
N GLU A 96 10.26 -27.21 -15.77
CA GLU A 96 10.43 -28.59 -15.33
C GLU A 96 10.04 -28.83 -13.87
N GLU A 97 10.07 -27.77 -13.04
CA GLU A 97 9.60 -27.82 -11.66
C GLU A 97 8.10 -27.59 -11.53
N ASN A 98 7.41 -27.35 -12.65
CA ASN A 98 6.02 -26.93 -12.59
C ASN A 98 5.24 -27.54 -13.73
N HIS A 99 5.29 -28.87 -13.81
CA HIS A 99 4.58 -29.64 -14.85
C HIS A 99 4.64 -29.03 -16.25
N ASN A 100 5.85 -28.68 -16.67
CA ASN A 100 6.13 -28.16 -18.00
CA ASN A 100 6.16 -28.13 -17.99
C ASN A 100 5.37 -26.86 -18.31
N HIS A 101 5.26 -26.00 -17.31
CA HIS A 101 4.51 -24.74 -17.47
C HIS A 101 5.31 -23.62 -16.83
N ALA A 102 5.95 -22.82 -17.70
CA ALA A 102 6.70 -21.65 -17.26
C ALA A 102 5.82 -20.56 -16.66
N ASN A 103 4.55 -20.51 -17.05
CA ASN A 103 3.63 -19.43 -16.62
C ASN A 103 4.25 -18.08 -16.97
N GLU A 104 4.52 -17.91 -18.26
CA GLU A 104 5.18 -16.75 -18.77
C GLU A 104 4.18 -15.67 -19.13
N ARG A 105 4.48 -14.46 -18.70
CA ARG A 105 3.64 -13.27 -18.92
C ARG A 105 4.46 -12.19 -19.62
N MET A 106 3.77 -11.24 -20.24
CA MET A 106 4.37 -9.99 -20.68
C MET A 106 3.91 -8.87 -19.75
N LEU A 107 4.88 -8.23 -19.11
CA LEU A 107 4.63 -7.27 -18.00
C LEU A 107 5.51 -6.04 -18.15
N PHE A 108 5.09 -4.93 -17.55
CA PHE A 108 5.83 -3.69 -17.61
C PHE A 108 6.79 -3.56 -16.46
N HIS A 109 7.88 -2.84 -16.72
CA HIS A 109 8.83 -2.49 -15.68
C HIS A 109 9.38 -1.08 -15.96
N GLY A 110 9.26 -0.22 -14.95
CA GLY A 110 9.82 1.14 -14.97
C GLY A 110 10.94 1.21 -13.97
N SER A 111 12.03 1.90 -14.33
CA SER A 111 13.16 2.01 -13.45
C SER A 111 14.10 3.11 -13.88
N PRO A 112 14.73 3.79 -12.93
CA PRO A 112 15.81 4.69 -13.36
C PRO A 112 17.01 3.93 -13.96
N PHE A 113 17.06 2.61 -13.81
CA PHE A 113 18.18 1.79 -14.32
C PHE A 113 17.90 1.03 -15.64
N VAL A 114 16.91 1.50 -16.39
CA VAL A 114 16.51 0.88 -17.66
C VAL A 114 17.73 0.68 -18.57
N ASN A 115 18.64 1.64 -18.61
CA ASN A 115 19.85 1.47 -19.45
C ASN A 115 20.77 0.34 -19.01
N ALA A 116 21.07 0.18 -17.71
CA ALA A 116 21.81 -0.99 -17.27
C ALA A 116 21.05 -2.29 -17.51
N ILE A 117 19.73 -2.25 -17.38
CA ILE A 117 18.95 -3.49 -17.55
C ILE A 117 19.09 -4.03 -18.96
N ILE A 118 18.94 -3.15 -19.92
CA ILE A 118 18.87 -3.64 -21.31
C ILE A 118 20.27 -4.08 -21.79
N HIS A 119 21.32 -3.53 -21.16
CA HIS A 119 22.72 -3.93 -21.49
C HIS A 119 23.27 -5.11 -20.71
N LYS A 120 22.92 -5.23 -19.42
CA LYS A 120 23.55 -6.20 -18.54
C LYS A 120 22.57 -7.18 -17.87
N GLY A 121 21.27 -6.94 -18.05
CA GLY A 121 20.23 -7.85 -17.62
C GLY A 121 19.72 -7.41 -16.27
N PHE A 122 18.60 -8.00 -15.83
CA PHE A 122 18.13 -7.76 -14.47
C PHE A 122 19.02 -8.47 -13.45
N ASP A 123 19.27 -7.78 -12.34
CA ASP A 123 19.95 -8.39 -11.21
C ASP A 123 19.57 -7.73 -9.85
N GLU A 124 20.22 -8.16 -8.76
CA GLU A 124 20.02 -7.56 -7.39
C GLU A 124 19.90 -6.05 -7.31
N ARG A 125 20.62 -5.32 -8.15
CA ARG A 125 20.56 -3.87 -8.13
C ARG A 125 19.24 -3.28 -8.56
N HIS A 126 18.40 -4.09 -9.22
CA HIS A 126 17.09 -3.64 -9.69
C HIS A 126 15.91 -4.12 -8.79
N ALA A 127 16.25 -4.73 -7.67
CA ALA A 127 15.29 -5.21 -6.67
C ALA A 127 14.82 -4.06 -5.80
N TYR A 128 13.65 -4.21 -5.23
CA TYR A 128 13.05 -3.14 -4.44
C TYR A 128 13.18 -3.56 -2.99
N ILE A 129 14.22 -3.05 -2.31
CA ILE A 129 14.55 -3.54 -0.97
C ILE A 129 13.37 -3.35 -0.05
N GLY A 130 12.77 -2.18 -0.05
CA GLY A 130 11.57 -1.95 0.79
C GLY A 130 10.20 -2.41 0.27
N GLY A 131 10.17 -3.23 -0.77
CA GLY A 131 8.90 -3.64 -1.35
C GLY A 131 8.01 -4.45 -0.43
N MET A 132 6.71 -4.26 -0.56
CA MET A 132 5.80 -4.95 0.37
C MET A 132 5.70 -6.47 0.17
N PHE A 133 6.27 -6.97 -0.92
CA PHE A 133 6.48 -8.41 -1.10
C PHE A 133 7.91 -8.83 -0.99
N GLY A 134 8.75 -8.06 -0.33
CA GLY A 134 10.12 -8.43 -0.13
C GLY A 134 11.03 -7.93 -1.24
N ALA A 135 12.33 -8.10 -1.02
CA ALA A 135 13.34 -7.54 -1.90
C ALA A 135 13.47 -8.41 -3.15
N GLY A 136 12.56 -8.21 -4.07
CA GLY A 136 12.63 -8.83 -5.40
C GLY A 136 12.47 -7.74 -6.46
N ILE A 137 12.33 -8.18 -7.70
CA ILE A 137 12.17 -7.29 -8.82
C ILE A 137 10.69 -7.29 -9.21
N TYR A 138 10.12 -6.09 -9.26
CA TYR A 138 8.68 -5.89 -9.38
C TYR A 138 8.28 -5.56 -10.82
N PHE A 139 7.16 -6.10 -11.23
CA PHE A 139 6.57 -5.86 -12.57
C PHE A 139 5.08 -5.63 -12.46
N ALA A 140 4.48 -4.97 -13.42
CA ALA A 140 3.05 -4.69 -13.35
C ALA A 140 2.32 -4.96 -14.64
N GLU A 141 1.03 -5.36 -14.51
CA GLU A 141 0.12 -5.45 -15.68
C GLU A 141 -0.29 -4.06 -16.14
N ASN A 142 -0.48 -3.14 -15.20
CA ASN A 142 -0.83 -1.75 -15.58
C ASN A 142 0.43 -0.97 -15.94
N SER A 143 0.55 -0.53 -17.20
CA SER A 143 1.66 0.30 -17.59
C SER A 143 1.78 1.56 -16.70
N SER A 144 0.66 2.17 -16.30
CA SER A 144 0.69 3.35 -15.46
C SER A 144 1.26 3.08 -14.07
N LYS A 145 1.15 1.85 -13.57
CA LYS A 145 1.85 1.52 -12.32
C LYS A 145 3.37 1.56 -12.53
N SER A 146 3.87 0.85 -13.54
CA SER A 146 5.31 0.94 -13.85
C SER A 146 5.78 2.38 -14.12
N ASN A 147 4.92 3.20 -14.72
CA ASN A 147 5.24 4.61 -14.97
C ASN A 147 5.59 5.39 -13.69
N GLN A 148 5.00 4.98 -12.57
CA GLN A 148 5.27 5.62 -11.32
C GLN A 148 6.71 5.43 -10.86
N TYR A 149 7.46 4.51 -11.47
CA TYR A 149 8.81 4.17 -11.06
C TYR A 149 9.93 4.64 -11.99
N VAL A 150 9.56 5.26 -13.12
CA VAL A 150 10.51 5.72 -14.15
C VAL A 150 11.57 6.63 -13.50
N TYR A 151 11.13 7.47 -12.55
CA TYR A 151 12.04 8.44 -11.91
C TYR A 151 12.40 8.04 -10.49
N GLY A 152 12.11 6.79 -10.16
CA GLY A 152 12.50 6.19 -8.90
C GLY A 152 11.29 5.87 -8.02
N ILE A 153 11.58 5.36 -6.84
CA ILE A 153 10.51 5.01 -5.90
C ILE A 153 9.67 6.23 -5.56
N GLY A 154 8.35 6.10 -5.67
CA GLY A 154 7.47 7.23 -5.43
C GLY A 154 7.61 8.32 -6.49
N GLY A 155 8.23 8.00 -7.63
CA GLY A 155 8.51 8.99 -8.63
C GLY A 155 9.72 9.88 -8.31
N GLY A 156 10.41 9.61 -7.20
CA GLY A 156 11.61 10.36 -6.81
C GLY A 156 11.33 11.85 -6.81
N THR A 157 12.23 12.61 -7.42
CA THR A 157 12.03 14.05 -7.55
C THR A 157 11.53 14.46 -8.94
N GLY A 158 11.02 13.49 -9.71
CA GLY A 158 10.53 13.77 -11.02
C GLY A 158 11.61 13.82 -12.07
N CYS A 159 11.27 14.36 -13.20
CA CYS A 159 12.21 14.38 -14.30
C CYS A 159 13.51 15.10 -13.93
N PRO A 160 14.64 14.66 -14.50
CA PRO A 160 15.90 15.35 -14.17
C PRO A 160 15.95 16.82 -14.59
N VAL A 161 15.30 17.18 -15.69
CA VAL A 161 15.39 18.55 -16.22
C VAL A 161 14.53 19.55 -15.41
N HIS A 162 13.26 19.21 -15.20
CA HIS A 162 12.28 20.13 -14.56
C HIS A 162 11.85 19.79 -13.12
N LYS A 163 12.36 18.69 -12.54
CA LYS A 163 11.97 18.22 -11.21
C LYS A 163 10.45 18.10 -11.06
N ASP A 164 9.81 17.59 -12.12
CA ASP A 164 8.36 17.48 -12.21
C ASP A 164 7.99 15.99 -12.41
N ARG A 165 7.30 15.39 -11.41
CA ARG A 165 6.80 14.00 -11.54
C ARG A 165 5.72 13.89 -12.57
N SER A 166 5.06 15.00 -12.88
CA SER A 166 4.06 15.02 -13.90
C SER A 166 4.55 15.73 -15.17
N CYS A 167 5.84 15.68 -15.46
CA CYS A 167 6.36 16.35 -16.66
C CYS A 167 5.73 15.83 -17.93
N TYR A 168 5.22 16.74 -18.77
CA TYR A 168 4.62 16.34 -20.04
C TYR A 168 5.58 16.55 -21.23
N ILE A 169 6.77 17.02 -20.92
CA ILE A 169 7.75 17.35 -21.95
C ILE A 169 8.83 16.29 -22.07
N CYS A 170 9.39 15.89 -20.95
CA CYS A 170 10.52 14.99 -20.92
C CYS A 170 10.10 13.57 -21.42
N HIS A 171 11.03 12.95 -22.14
CA HIS A 171 10.86 11.62 -22.68
C HIS A 171 11.12 10.59 -21.58
N ARG A 172 10.14 9.71 -21.38
CA ARG A 172 10.25 8.62 -20.44
C ARG A 172 10.44 7.30 -21.15
N GLN A 173 10.94 6.30 -20.43
CA GLN A 173 11.08 4.97 -21.00
C GLN A 173 10.52 3.90 -20.07
N LEU A 174 9.84 2.89 -20.64
CA LEU A 174 9.44 1.69 -19.91
C LEU A 174 9.95 0.48 -20.66
N LEU A 175 10.11 -0.63 -19.95
CA LEU A 175 10.37 -1.92 -20.56
C LEU A 175 9.10 -2.74 -20.56
N PHE A 176 8.88 -3.49 -21.64
CA PHE A 176 7.78 -4.46 -21.68
C PHE A 176 8.51 -5.80 -21.77
N CYS A 177 8.40 -6.58 -20.70
CA CYS A 177 9.26 -7.69 -20.43
C CYS A 177 8.58 -9.05 -20.45
N ARG A 178 9.35 -10.05 -20.84
CA ARG A 178 8.93 -11.46 -20.75
C ARG A 178 9.36 -11.96 -19.41
N VAL A 179 8.40 -12.44 -18.62
CA VAL A 179 8.65 -12.81 -17.24
C VAL A 179 8.15 -14.21 -16.95
N THR A 180 8.98 -15.02 -16.31
CA THR A 180 8.61 -16.36 -15.96
C THR A 180 8.11 -16.33 -14.53
N LEU A 181 6.84 -16.67 -14.32
CA LEU A 181 6.28 -16.70 -12.96
C LEU A 181 6.36 -18.07 -12.30
N GLY A 182 6.30 -19.11 -13.07
CA GLY A 182 6.21 -20.47 -12.53
C GLY A 182 5.03 -20.60 -11.58
N LYS A 183 5.24 -21.32 -10.49
CA LYS A 183 4.27 -21.41 -9.43
C LYS A 183 4.33 -20.14 -8.58
N SER A 184 3.26 -19.36 -8.60
CA SER A 184 3.30 -18.03 -8.01
C SER A 184 2.48 -18.05 -6.72
N PHE A 185 3.07 -17.51 -5.69
CA PHE A 185 2.42 -17.34 -4.36
C PHE A 185 1.45 -16.16 -4.41
N LEU A 186 0.17 -16.44 -4.18
CA LEU A 186 -0.89 -15.44 -4.23
C LEU A 186 -1.00 -14.67 -2.92
N GLN A 187 -0.74 -13.38 -2.97
CA GLN A 187 -0.95 -12.50 -1.83
C GLN A 187 -2.13 -11.57 -2.12
N PHE A 188 -3.19 -11.66 -1.33
CA PHE A 188 -4.32 -10.75 -1.45
C PHE A 188 -3.85 -9.47 -0.70
N SER A 189 -4.06 -8.28 -1.26
CA SER A 189 -3.56 -7.04 -0.58
C SER A 189 -4.10 -5.73 -1.15
N MET A 193 19.10 -10.21 -2.39
CA MET A 193 17.73 -10.37 -2.89
C MET A 193 17.03 -11.46 -2.04
N ALA A 194 15.74 -11.28 -1.74
CA ALA A 194 15.04 -12.29 -0.98
C ALA A 194 14.90 -13.58 -1.83
N HIS A 195 14.22 -14.57 -1.28
CA HIS A 195 13.91 -15.79 -1.97
C HIS A 195 12.41 -15.77 -2.14
N SER A 196 11.87 -16.42 -3.17
CA SER A 196 10.43 -16.55 -3.19
C SER A 196 10.05 -17.54 -2.09
N PRO A 197 8.77 -17.56 -1.76
CA PRO A 197 8.28 -18.48 -0.76
C PRO A 197 8.61 -19.91 -1.13
N PRO A 198 8.96 -20.73 -0.12
CA PRO A 198 9.22 -22.15 -0.37
C PRO A 198 8.18 -22.78 -1.30
N GLY A 199 8.66 -23.49 -2.31
CA GLY A 199 7.82 -24.19 -3.27
C GLY A 199 7.25 -23.31 -4.40
N HIS A 200 7.68 -22.06 -4.47
CA HIS A 200 7.16 -21.09 -5.44
C HIS A 200 8.33 -20.43 -6.18
N HIS A 201 8.03 -19.81 -7.33
CA HIS A 201 9.01 -19.13 -8.18
C HIS A 201 8.80 -17.61 -8.30
N SER A 202 7.72 -17.12 -7.73
CA SER A 202 7.36 -15.71 -7.81
C SER A 202 6.28 -15.42 -6.77
N VAL A 203 5.89 -14.15 -6.67
CA VAL A 203 4.77 -13.72 -5.85
C VAL A 203 3.86 -12.89 -6.71
N THR A 204 2.55 -13.11 -6.58
CA THR A 204 1.53 -12.27 -7.19
C THR A 204 0.87 -11.40 -6.14
N GLY A 205 0.92 -10.11 -6.35
CA GLY A 205 0.16 -9.16 -5.56
C GLY A 205 -1.21 -8.92 -6.14
N ARG A 206 -2.23 -9.57 -5.55
CA ARG A 206 -3.57 -9.42 -6.09
CA ARG A 206 -3.60 -9.43 -6.06
C ARG A 206 -4.25 -8.17 -5.54
N PRO A 207 -4.73 -7.31 -6.43
CA PRO A 207 -5.52 -6.17 -5.97
C PRO A 207 -6.75 -6.60 -5.11
N SER A 208 -6.90 -6.11 -3.85
CA SER A 208 -8.07 -6.46 -2.91
C SER A 208 -9.00 -5.31 -2.37
N VAL A 209 -8.77 -4.07 -2.80
CA VAL A 209 -9.58 -2.89 -2.35
C VAL A 209 -10.03 -2.14 -3.63
N ASN A 210 -9.02 -1.69 -4.40
CA ASN A 210 -9.22 -1.07 -5.72
C ASN A 210 -9.58 -2.13 -6.75
N GLY A 211 -10.91 -2.19 -6.94
CA GLY A 211 -11.49 -3.02 -7.95
C GLY A 211 -11.00 -2.79 -9.35
N LEU A 212 -10.38 -1.64 -9.69
CA LEU A 212 -9.86 -1.49 -11.09
C LEU A 212 -8.37 -1.82 -11.30
N ALA A 213 -7.63 -2.06 -10.24
CA ALA A 213 -6.18 -2.27 -10.37
C ALA A 213 -5.91 -3.67 -10.89
N LEU A 214 -4.93 -3.78 -11.79
CA LEU A 214 -4.43 -5.06 -12.22
C LEU A 214 -3.37 -5.60 -11.27
N ALA A 215 -3.05 -6.88 -11.40
CA ALA A 215 -2.01 -7.50 -10.61
C ALA A 215 -0.60 -6.93 -10.82
N GLU A 216 0.21 -7.06 -9.78
CA GLU A 216 1.64 -6.85 -9.82
C GLU A 216 2.34 -8.14 -9.41
N TYR A 217 3.58 -8.28 -9.82
CA TYR A 217 4.29 -9.54 -9.63
C TYR A 217 5.74 -9.29 -9.20
N VAL A 218 6.30 -10.22 -8.44
CA VAL A 218 7.66 -10.14 -8.00
C VAL A 218 8.41 -11.41 -8.27
N ILE A 219 9.64 -11.27 -8.82
CA ILE A 219 10.54 -12.39 -9.03
C ILE A 219 11.80 -12.12 -8.24
N TYR A 220 12.46 -13.19 -7.86
CA TYR A 220 13.59 -13.07 -6.98
C TYR A 220 14.89 -13.47 -7.65
N ARG A 221 14.85 -13.70 -8.95
CA ARG A 221 15.99 -14.05 -9.76
C ARG A 221 15.94 -13.22 -10.99
N GLY A 222 17.01 -12.48 -11.29
CA GLY A 222 17.06 -11.64 -12.49
C GLY A 222 16.88 -12.42 -13.78
N GLU A 223 17.29 -13.68 -13.77
CA GLU A 223 17.20 -14.54 -14.93
C GLU A 223 15.76 -14.89 -15.32
N GLN A 224 14.79 -14.56 -14.46
CA GLN A 224 13.38 -14.84 -14.75
C GLN A 224 12.69 -13.72 -15.51
N ALA A 225 13.42 -12.74 -16.03
CA ALA A 225 12.80 -11.72 -16.88
C ALA A 225 13.75 -11.36 -18.02
N TYR A 226 13.20 -11.06 -19.17
CA TYR A 226 13.97 -10.59 -20.33
C TYR A 226 13.30 -9.29 -20.81
N PRO A 227 14.06 -8.20 -20.94
CA PRO A 227 13.51 -6.92 -21.41
C PRO A 227 13.29 -6.92 -22.94
N GLU A 228 12.13 -7.29 -23.41
CA GLU A 228 11.90 -7.50 -24.84
C GLU A 228 11.75 -6.21 -25.64
N TYR A 229 11.04 -5.23 -25.08
CA TYR A 229 10.79 -3.95 -25.74
C TYR A 229 11.15 -2.78 -24.85
N LEU A 230 11.80 -1.79 -25.47
CA LEU A 230 12.10 -0.51 -24.84
C LEU A 230 11.13 0.51 -25.47
N ILE A 231 10.26 1.07 -24.65
CA ILE A 231 9.22 1.98 -25.14
C ILE A 231 9.56 3.38 -24.66
N THR A 232 9.72 4.29 -25.61
CA THR A 232 9.92 5.71 -25.31
C THR A 232 8.62 6.54 -25.52
N TYR A 233 8.28 7.38 -24.54
CA TYR A 233 6.98 7.99 -24.54
C TYR A 233 6.95 9.23 -23.69
N GLN A 234 5.89 10.00 -23.88
CA GLN A 234 5.52 11.04 -22.96
C GLN A 234 4.14 10.73 -22.39
N ILE A 235 3.89 11.16 -21.16
CA ILE A 235 2.53 11.17 -20.67
C ILE A 235 1.83 12.39 -21.29
N MET A 236 0.54 12.27 -21.58
CA MET A 236 -0.24 13.37 -22.16
C MET A 236 -1.12 14.08 -21.15
N ARG A 237 -1.09 15.41 -21.18
CA ARG A 237 -1.95 16.23 -20.31
C ARG A 237 -3.40 16.06 -20.72
N PRO A 238 -4.28 15.60 -19.80
CA PRO A 238 -5.69 15.51 -20.18
C PRO A 238 -6.23 16.87 -20.65
N GLU A 239 -7.17 16.84 -21.57
CA GLU A 239 -7.79 18.08 -22.03
C GLU A 239 -8.73 18.64 -20.96
N GLY B 30 -12.74 12.37 -3.15
CA GLY B 30 -11.68 13.40 -3.15
C GLY B 30 -10.46 13.00 -2.31
N THR B 31 -10.34 11.73 -1.92
CA THR B 31 -9.22 11.29 -1.07
C THR B 31 -8.01 10.90 -1.93
N ILE B 32 -6.85 11.38 -1.53
CA ILE B 32 -5.57 11.06 -2.17
C ILE B 32 -4.73 10.37 -1.12
N LEU B 33 -4.04 9.27 -1.47
CA LEU B 33 -3.11 8.62 -0.56
C LEU B 33 -1.68 8.82 -1.07
N ILE B 34 -0.80 9.36 -0.23
CA ILE B 34 0.59 9.61 -0.57
C ILE B 34 1.52 8.74 0.24
N ASP B 35 2.32 7.92 -0.44
CA ASP B 35 3.23 7.04 0.26
C ASP B 35 4.31 7.83 0.97
N LEU B 36 4.58 7.47 2.22
CA LEU B 36 5.74 8.00 2.90
C LEU B 36 6.92 7.09 2.69
N SER B 37 8.09 7.67 2.48
CA SER B 37 9.31 6.85 2.38
C SER B 37 9.72 6.34 3.74
N PRO B 38 10.23 5.09 3.82
CA PRO B 38 10.78 4.60 5.05
C PRO B 38 11.98 5.40 5.59
N ASP B 39 12.62 6.17 4.72
CA ASP B 39 13.72 7.04 5.15
C ASP B 39 13.28 8.36 5.73
N ASP B 40 11.98 8.66 5.66
CA ASP B 40 11.39 9.91 6.14
C ASP B 40 11.16 9.82 7.67
N LYS B 41 11.54 10.85 8.42
CA LYS B 41 11.32 10.82 9.86
C LYS B 41 9.85 10.67 10.21
N GLU B 42 8.98 11.18 9.35
CA GLU B 42 7.55 11.00 9.59
C GLU B 42 7.11 9.53 9.55
N PHE B 43 7.58 8.79 8.56
CA PHE B 43 7.35 7.36 8.51
C PHE B 43 7.85 6.70 9.78
N GLN B 44 9.07 7.05 10.16
CA GLN B 44 9.72 6.40 11.31
C GLN B 44 8.98 6.70 12.61
N SER B 45 8.44 7.89 12.73
CA SER B 45 7.71 8.27 13.91
C SER B 45 6.40 7.45 14.06
N VAL B 46 5.71 7.31 12.93
CA VAL B 46 4.48 6.53 12.94
C VAL B 46 4.78 5.05 13.22
N GLU B 47 5.82 4.49 12.59
CA GLU B 47 6.21 3.13 12.86
C GLU B 47 6.51 2.94 14.35
N GLU B 48 7.28 3.86 14.94
CA GLU B 48 7.65 3.70 16.34
C GLU B 48 6.42 3.81 17.25
N GLU B 49 5.46 4.66 16.92
CA GLU B 49 4.23 4.71 17.74
C GLU B 49 3.47 3.37 17.65
N MET B 50 3.41 2.80 16.45
CA MET B 50 2.83 1.50 16.26
C MET B 50 3.54 0.40 17.09
N GLN B 51 4.84 0.26 16.91
CA GLN B 51 5.60 -0.79 17.57
C GLN B 51 5.65 -0.62 19.09
N SER B 52 5.80 0.61 19.56
CA SER B 52 6.01 0.83 20.99
C SER B 52 4.72 0.69 21.82
N THR B 53 3.57 0.65 21.18
CA THR B 53 2.30 0.52 21.87
C THR B 53 1.64 -0.85 21.71
N VAL B 54 2.40 -1.82 21.25
CA VAL B 54 1.97 -3.21 21.32
C VAL B 54 2.01 -3.64 22.80
N ARG B 55 0.96 -4.29 23.27
CA ARG B 55 0.99 -4.95 24.56
C ARG B 55 0.40 -6.35 24.46
N GLU B 56 0.55 -7.10 25.54
CA GLU B 56 -0.17 -8.39 25.71
C GLU B 56 -1.63 -8.13 26.00
N HIS B 57 -2.47 -9.02 25.50
CA HIS B 57 -3.88 -8.94 25.71
C HIS B 57 -4.38 -10.12 26.54
N ARG B 58 -5.41 -9.88 27.35
CA ARG B 58 -5.91 -10.85 28.31
C ARG B 58 -6.65 -11.98 27.66
N ASP B 59 -7.03 -11.83 26.38
CA ASP B 59 -7.58 -12.94 25.60
C ASP B 59 -6.56 -13.91 25.01
N GLY B 60 -5.29 -13.72 25.37
CA GLY B 60 -4.20 -14.56 24.92
C GLY B 60 -3.89 -14.50 23.44
N GLY B 61 -4.39 -13.48 22.75
CA GLY B 61 -4.28 -13.40 21.29
C GLY B 61 -5.53 -13.79 20.51
N HIS B 62 -6.62 -14.16 21.19
CA HIS B 62 -7.78 -14.64 20.53
C HIS B 62 -8.29 -13.73 19.43
N ALA B 63 -8.49 -12.46 19.75
CA ALA B 63 -9.10 -11.53 18.81
C ALA B 63 -8.09 -11.04 17.75
N GLY B 64 -6.90 -10.65 18.18
CA GLY B 64 -5.95 -9.97 17.28
C GLY B 64 -4.76 -10.78 16.81
N GLY B 65 -4.56 -11.95 17.40
CA GLY B 65 -3.37 -12.77 17.10
C GLY B 65 -2.30 -12.69 18.16
N ILE B 66 -1.32 -13.59 18.04
CA ILE B 66 -0.17 -13.67 18.92
C ILE B 66 1.01 -13.01 18.23
N PHE B 67 1.50 -11.95 18.85
CA PHE B 67 2.65 -11.15 18.33
C PHE B 67 3.14 -10.16 19.36
N ASN B 68 4.39 -9.75 19.22
CA ASN B 68 4.99 -8.71 20.01
C ASN B 68 5.34 -7.48 19.21
N ARG B 69 5.34 -7.62 17.88
CA ARG B 69 5.74 -6.55 16.98
C ARG B 69 5.14 -6.78 15.59
N TYR B 70 5.18 -5.72 14.78
CA TYR B 70 4.66 -5.73 13.42
C TYR B 70 5.79 -5.70 12.38
N ASN B 71 5.48 -6.23 11.20
CA ASN B 71 6.17 -5.84 9.95
C ASN B 71 5.38 -4.73 9.23
N ILE B 72 5.90 -3.52 9.24
CA ILE B 72 5.23 -2.42 8.63
C ILE B 72 5.57 -2.48 7.14
N LEU B 73 4.55 -2.53 6.29
CA LEU B 73 4.73 -2.63 4.85
C LEU B 73 4.61 -1.31 4.10
N LYS B 74 3.76 -0.41 4.60
CA LYS B 74 3.48 0.86 3.93
C LYS B 74 2.82 1.80 4.91
N ILE B 75 3.18 3.08 4.81
CA ILE B 75 2.48 4.13 5.54
C ILE B 75 2.10 5.25 4.55
N GLN B 76 0.82 5.54 4.45
CA GLN B 76 0.32 6.56 3.54
C GLN B 76 -0.36 7.69 4.30
N LYS B 77 -0.05 8.91 3.90
CA LYS B 77 -0.78 10.08 4.31
C LYS B 77 -2.09 10.14 3.57
N VAL B 78 -3.20 10.39 4.29
CA VAL B 78 -4.52 10.40 3.75
C VAL B 78 -4.95 11.89 3.63
N CYS B 79 -5.34 12.30 2.44
CA CYS B 79 -5.61 13.72 2.21
C CYS B 79 -7.00 13.85 1.60
N ASN B 80 -7.87 14.63 2.24
CA ASN B 80 -9.18 14.89 1.67
C ASN B 80 -9.59 16.26 2.19
N LYS B 81 -9.55 17.23 1.29
CA LYS B 81 -9.84 18.63 1.63
C LYS B 81 -11.21 18.82 2.29
N LYS B 82 -12.24 18.23 1.74
CA LYS B 82 -13.59 18.38 2.32
C LYS B 82 -13.70 17.73 3.73
N LEU B 83 -13.11 16.56 3.89
CA LEU B 83 -13.15 15.89 5.17
C LEU B 83 -12.31 16.65 6.19
N TRP B 84 -11.18 17.19 5.76
CA TRP B 84 -10.34 17.99 6.63
C TRP B 84 -11.10 19.24 7.12
N GLU B 85 -11.76 19.93 6.19
CA GLU B 85 -12.54 21.11 6.57
C GLU B 85 -13.68 20.78 7.54
N ARG B 86 -14.38 19.69 7.30
CA ARG B 86 -15.36 19.19 8.24
C ARG B 86 -14.78 18.94 9.66
N TYR B 87 -13.63 18.27 9.70
CA TYR B 87 -12.89 18.07 10.96
C TYR B 87 -12.50 19.41 11.66
N THR B 88 -11.85 20.35 10.97
CA THR B 88 -11.40 21.63 11.59
C THR B 88 -12.58 22.53 11.99
N HIS B 89 -13.71 22.42 11.30
CA HIS B 89 -14.90 23.16 11.69
C HIS B 89 -15.42 22.64 13.04
N ARG B 90 -15.47 21.32 13.19
CA ARG B 90 -15.96 20.75 14.44
C ARG B 90 -14.93 21.01 15.51
N ARG B 91 -13.65 20.94 15.16
CA ARG B 91 -12.59 21.14 16.15
C ARG B 91 -12.68 22.54 16.75
N LYS B 92 -12.95 23.53 15.90
CA LYS B 92 -13.10 24.92 16.37
C LYS B 92 -14.30 25.06 17.31
N GLU B 93 -15.43 24.40 17.00
CA GLU B 93 -16.61 24.46 17.87
C GLU B 93 -16.30 23.81 19.21
N VAL B 94 -15.64 22.67 19.18
CA VAL B 94 -15.32 21.96 20.41
C VAL B 94 -14.31 22.77 21.25
N SER B 95 -13.28 23.29 20.59
CA SER B 95 -12.26 24.07 21.26
C SER B 95 -12.89 25.28 22.02
N GLU B 96 -13.81 25.98 21.37
CA GLU B 96 -14.46 27.15 21.96
C GLU B 96 -15.36 26.77 23.11
N GLU B 97 -16.09 25.66 22.97
CA GLU B 97 -16.90 25.16 24.06
C GLU B 97 -16.08 24.73 25.30
N ASN B 98 -14.85 24.25 25.08
CA ASN B 98 -13.96 23.77 26.13
C ASN B 98 -12.91 24.81 26.46
N HIS B 99 -13.29 26.09 26.35
CA HIS B 99 -12.48 27.19 26.78
C HIS B 99 -11.15 27.31 26.10
N ASN B 100 -11.20 27.20 24.77
CA ASN B 100 -10.07 27.30 23.90
C ASN B 100 -9.04 26.13 24.03
N HIS B 101 -9.57 24.91 24.14
CA HIS B 101 -8.73 23.69 24.26
C HIS B 101 -9.39 22.57 23.48
N ALA B 102 -8.86 22.25 22.30
CA ALA B 102 -9.39 21.13 21.53
C ALA B 102 -9.08 19.76 22.15
N ASN B 103 -8.00 19.66 22.89
CA ASN B 103 -7.59 18.41 23.51
C ASN B 103 -7.43 17.33 22.41
N GLU B 104 -6.60 17.66 21.44
CA GLU B 104 -6.41 16.84 20.24
C GLU B 104 -5.31 15.81 20.40
N ARG B 105 -5.62 14.57 20.02
CA ARG B 105 -4.72 13.45 20.19
C ARG B 105 -4.50 12.76 18.81
N MET B 106 -3.48 11.91 18.77
CA MET B 106 -3.28 10.96 17.65
C MET B 106 -3.55 9.59 18.26
N LEU B 107 -4.51 8.87 17.70
CA LEU B 107 -4.98 7.60 18.20
C LEU B 107 -5.21 6.61 17.08
N PHE B 108 -5.11 5.34 17.42
CA PHE B 108 -5.31 4.24 16.47
C PHE B 108 -6.80 3.90 16.29
N HIS B 109 -7.12 3.40 15.08
CA HIS B 109 -8.46 2.86 14.83
C HIS B 109 -8.37 1.72 13.84
N GLY B 110 -8.88 0.58 14.25
CA GLY B 110 -8.96 -0.61 13.44
C GLY B 110 -10.41 -0.83 13.07
N SER B 111 -10.69 -1.19 11.81
CA SER B 111 -12.06 -1.46 11.43
C SER B 111 -12.16 -2.22 10.12
N PRO B 112 -13.18 -3.11 10.01
CA PRO B 112 -13.48 -3.65 8.67
C PRO B 112 -13.97 -2.60 7.66
N PHE B 113 -14.33 -1.41 8.12
CA PHE B 113 -14.81 -0.34 7.24
C PHE B 113 -13.71 0.71 6.86
N VAL B 114 -12.44 0.36 7.00
CA VAL B 114 -11.35 1.30 6.73
C VAL B 114 -11.44 1.91 5.31
N ASN B 115 -11.89 1.16 4.28
CA ASN B 115 -11.96 1.75 2.92
C ASN B 115 -12.98 2.81 2.86
N ALA B 116 -14.13 2.55 3.48
CA ALA B 116 -15.18 3.56 3.56
C ALA B 116 -14.77 4.79 4.35
N ILE B 117 -14.06 4.57 5.47
CA ILE B 117 -13.65 5.69 6.32
C ILE B 117 -12.75 6.70 5.60
N ILE B 118 -11.76 6.23 4.89
CA ILE B 118 -10.80 7.13 4.32
C ILE B 118 -11.43 7.95 3.17
N HIS B 119 -12.49 7.40 2.57
CA HIS B 119 -13.15 8.07 1.44
C HIS B 119 -14.29 8.95 1.84
N LYS B 120 -15.05 8.53 2.83
CA LYS B 120 -16.31 9.21 3.16
C LYS B 120 -16.34 9.77 4.57
N GLY B 121 -15.28 9.47 5.34
CA GLY B 121 -15.17 10.01 6.69
C GLY B 121 -15.79 9.07 7.69
N PHE B 122 -15.55 9.35 8.98
CA PHE B 122 -16.22 8.61 10.03
C PHE B 122 -17.70 9.04 10.13
N ASP B 123 -18.56 8.07 10.37
CA ASP B 123 -19.95 8.38 10.71
C ASP B 123 -20.58 7.24 11.52
N GLU B 124 -21.89 7.35 11.73
CA GLU B 124 -22.60 6.44 12.65
C GLU B 124 -22.43 4.97 12.30
N ARG B 125 -22.19 4.64 11.03
CA ARG B 125 -21.96 3.23 10.66
C ARG B 125 -20.66 2.66 11.30
N HIS B 126 -19.77 3.54 11.74
CA HIS B 126 -18.47 3.15 12.33
C HIS B 126 -18.50 3.09 13.86
N ALA B 127 -19.69 3.32 14.42
CA ALA B 127 -19.90 3.28 15.87
C ALA B 127 -19.98 1.83 16.36
N TYR B 128 -19.69 1.67 17.64
CA TYR B 128 -19.71 0.39 18.32
C TYR B 128 -20.93 0.39 19.24
N ILE B 129 -22.04 -0.14 18.71
CA ILE B 129 -23.33 -0.08 19.41
C ILE B 129 -23.17 -0.70 20.79
N GLY B 130 -22.52 -1.83 20.90
CA GLY B 130 -22.41 -2.49 22.22
C GLY B 130 -21.23 -2.12 23.07
N GLY B 131 -20.57 -1.01 22.74
CA GLY B 131 -19.36 -0.63 23.44
C GLY B 131 -19.63 -0.28 24.90
N MET B 132 -18.70 -0.67 25.75
CA MET B 132 -18.77 -0.40 27.19
C MET B 132 -18.90 1.09 27.59
N PHE B 133 -18.52 2.00 26.70
CA PHE B 133 -18.71 3.44 26.98
C PHE B 133 -19.68 4.10 26.05
N GLY B 134 -20.68 3.36 25.62
CA GLY B 134 -21.76 3.89 24.79
C GLY B 134 -21.47 3.71 23.34
N ALA B 135 -22.53 3.89 22.54
CA ALA B 135 -22.51 3.75 21.08
C ALA B 135 -21.83 4.96 20.44
N GLY B 136 -20.52 4.92 20.46
CA GLY B 136 -19.73 5.97 19.84
C GLY B 136 -18.65 5.32 19.01
N ILE B 137 -17.75 6.12 18.49
CA ILE B 137 -16.65 5.59 17.69
C ILE B 137 -15.41 5.51 18.63
N TYR B 138 -14.79 4.34 18.68
CA TYR B 138 -13.72 4.00 19.59
C TYR B 138 -12.31 4.09 18.98
N PHE B 139 -11.36 4.64 19.73
CA PHE B 139 -9.99 4.80 19.34
C PHE B 139 -9.12 4.30 20.48
N ALA B 140 -7.91 3.86 20.19
CA ALA B 140 -7.02 3.34 21.23
C ALA B 140 -5.63 3.95 21.18
N GLU B 141 -5.04 4.11 22.36
CA GLU B 141 -3.61 4.40 22.46
C GLU B 141 -2.73 3.19 22.12
N ASN B 142 -3.18 1.99 22.48
CA ASN B 142 -2.44 0.77 22.13
C ASN B 142 -2.76 0.32 20.72
N SER B 143 -1.76 0.37 19.85
CA SER B 143 -1.96 -0.18 18.51
C SER B 143 -2.56 -1.57 18.51
N SER B 144 -2.09 -2.43 19.43
CA SER B 144 -2.51 -3.81 19.47
C SER B 144 -3.97 -3.94 19.86
N LYS B 145 -4.53 -2.94 20.56
CA LYS B 145 -5.96 -2.93 20.91
C LYS B 145 -6.76 -2.71 19.60
N SER B 146 -6.38 -1.69 18.82
CA SER B 146 -7.01 -1.44 17.53
C SER B 146 -6.87 -2.63 16.57
N ASN B 147 -5.72 -3.32 16.63
CA ASN B 147 -5.51 -4.51 15.80
C ASN B 147 -6.59 -5.59 16.04
N GLN B 148 -7.11 -5.67 17.26
CA GLN B 148 -8.21 -6.61 17.57
C GLN B 148 -9.49 -6.40 16.77
N TYR B 149 -9.65 -5.24 16.10
CA TYR B 149 -10.86 -4.87 15.42
C TYR B 149 -10.71 -4.83 13.87
N VAL B 150 -9.51 -5.13 13.39
CA VAL B 150 -9.22 -5.09 11.94
C VAL B 150 -10.17 -6.03 11.17
N TYR B 151 -10.46 -7.17 11.76
CA TYR B 151 -11.35 -8.16 11.12
C TYR B 151 -12.74 -8.18 11.76
N GLY B 152 -13.06 -7.10 12.49
CA GLY B 152 -14.38 -6.94 13.10
C GLY B 152 -14.33 -7.09 14.59
N ILE B 153 -15.49 -6.93 15.24
CA ILE B 153 -15.60 -7.06 16.68
C ILE B 153 -15.16 -8.46 17.14
N GLY B 154 -14.27 -8.52 18.11
CA GLY B 154 -13.74 -9.78 18.58
C GLY B 154 -12.78 -10.45 17.59
N GLY B 155 -12.28 -9.70 16.61
CA GLY B 155 -11.54 -10.24 15.47
C GLY B 155 -12.38 -10.95 14.41
N GLY B 156 -13.72 -10.95 14.56
CA GLY B 156 -14.60 -11.61 13.61
C GLY B 156 -14.15 -13.03 13.40
N THR B 157 -14.01 -13.46 12.16
CA THR B 157 -13.54 -14.79 11.83
C THR B 157 -12.11 -14.71 11.23
N GLY B 158 -11.43 -13.60 11.48
CA GLY B 158 -10.04 -13.46 11.11
C GLY B 158 -9.91 -13.13 9.62
N CYS B 159 -8.77 -13.43 9.05
CA CYS B 159 -8.54 -12.95 7.70
C CYS B 159 -9.52 -13.59 6.72
N PRO B 160 -9.84 -12.89 5.61
CA PRO B 160 -10.75 -13.52 4.61
C PRO B 160 -10.20 -14.79 3.97
N VAL B 161 -8.90 -14.81 3.68
CA VAL B 161 -8.28 -15.93 2.95
C VAL B 161 -8.12 -17.17 3.77
N HIS B 162 -7.65 -17.04 5.02
CA HIS B 162 -7.37 -18.20 5.86
C HIS B 162 -8.32 -18.39 7.09
N LYS B 163 -9.28 -17.49 7.30
CA LYS B 163 -10.10 -17.49 8.52
C LYS B 163 -9.26 -17.63 9.81
N ASP B 164 -8.19 -16.84 9.90
CA ASP B 164 -7.24 -16.96 10.96
C ASP B 164 -7.07 -15.56 11.62
N ARG B 165 -7.52 -15.40 12.87
CA ARG B 165 -7.35 -14.13 13.60
C ARG B 165 -5.89 -13.84 13.88
N SER B 166 -5.06 -14.88 13.86
CA SER B 166 -3.63 -14.70 14.03
C SER B 166 -2.83 -14.86 12.72
N CYS B 167 -3.46 -14.53 11.60
CA CYS B 167 -2.80 -14.73 10.31
C CYS B 167 -1.51 -13.92 10.26
N TYR B 168 -0.40 -14.55 9.92
CA TYR B 168 0.90 -13.88 9.74
C TYR B 168 1.23 -13.57 8.26
N ILE B 169 0.34 -13.99 7.37
CA ILE B 169 0.55 -13.86 5.93
C ILE B 169 -0.18 -12.63 5.35
N CYS B 170 -1.44 -12.50 5.69
CA CYS B 170 -2.28 -11.52 5.05
C CYS B 170 -1.99 -10.12 5.58
N HIS B 171 -2.07 -9.16 4.68
CA HIS B 171 -1.87 -7.74 5.01
C HIS B 171 -3.05 -7.11 5.71
N ARG B 172 -2.79 -6.41 6.81
CA ARG B 172 -3.78 -5.70 7.60
C ARG B 172 -3.58 -4.21 7.43
N GLN B 173 -4.61 -3.43 7.71
CA GLN B 173 -4.52 -2.00 7.75
C GLN B 173 -5.09 -1.42 9.03
N LEU B 174 -4.43 -0.41 9.57
CA LEU B 174 -4.96 0.38 10.70
C LEU B 174 -4.91 1.83 10.27
N LEU B 175 -5.72 2.66 10.92
CA LEU B 175 -5.68 4.10 10.77
C LEU B 175 -5.00 4.72 11.99
N PHE B 176 -4.23 5.77 11.75
CA PHE B 176 -3.69 6.57 12.85
C PHE B 176 -4.27 7.95 12.63
N CYS B 177 -5.07 8.40 13.58
CA CYS B 177 -6.07 9.43 13.36
C CYS B 177 -5.91 10.59 14.30
N ARG B 178 -6.17 11.77 13.77
CA ARG B 178 -6.27 12.97 14.59
C ARG B 178 -7.68 13.00 15.19
N VAL B 179 -7.78 13.09 16.52
CA VAL B 179 -9.03 13.00 17.24
C VAL B 179 -9.20 14.16 18.24
N THR B 180 -10.34 14.85 18.16
CA THR B 180 -10.67 16.00 19.03
C THR B 180 -11.46 15.47 20.22
N LEU B 181 -10.83 15.49 21.39
CA LEU B 181 -11.50 14.96 22.61
C LEU B 181 -12.35 15.99 23.38
N GLY B 182 -11.98 17.23 23.29
CA GLY B 182 -12.62 18.30 24.03
C GLY B 182 -12.56 18.03 25.53
N LYS B 183 -13.67 18.34 26.18
CA LYS B 183 -13.86 17.96 27.55
C LYS B 183 -14.23 16.51 27.58
N SER B 184 -13.33 15.67 28.11
CA SER B 184 -13.48 14.25 28.05
C SER B 184 -13.88 13.70 29.42
N PHE B 185 -14.94 12.91 29.44
CA PHE B 185 -15.44 12.31 30.67
C PHE B 185 -14.57 11.11 31.00
N LEU B 186 -13.88 11.18 32.13
CA LEU B 186 -13.05 10.06 32.58
C LEU B 186 -13.85 8.97 33.19
N GLN B 187 -13.78 7.79 32.58
CA GLN B 187 -14.45 6.62 33.05
C GLN B 187 -13.41 5.56 33.34
N PHE B 188 -13.21 5.25 34.61
CA PHE B 188 -12.34 4.15 34.95
C PHE B 188 -13.06 2.83 34.62
N SER B 189 -12.31 1.85 34.15
CA SER B 189 -12.92 0.60 33.79
C SER B 189 -12.13 -0.53 34.38
N ALA B 190 -12.81 -1.64 34.56
CA ALA B 190 -12.29 -2.76 35.31
C ALA B 190 -11.32 -3.63 34.50
N MET B 191 -11.03 -3.22 33.27
CA MET B 191 -10.15 -4.01 32.38
C MET B 191 -8.64 -3.89 32.74
N ALA B 194 -25.21 7.28 20.32
CA ALA B 194 -25.38 7.94 21.61
C ALA B 194 -24.88 9.39 21.57
N HIS B 195 -25.09 10.10 22.67
CA HIS B 195 -24.57 11.44 22.83
C HIS B 195 -23.48 11.32 23.86
N SER B 196 -22.57 12.30 23.87
CA SER B 196 -21.56 12.34 24.92
C SER B 196 -22.26 12.79 26.18
N PRO B 197 -21.62 12.56 27.34
CA PRO B 197 -22.13 13.05 28.61
C PRO B 197 -22.39 14.56 28.54
N PRO B 198 -23.37 15.05 29.33
CA PRO B 198 -23.60 16.48 29.34
C PRO B 198 -22.35 17.28 29.65
N GLY B 199 -22.10 18.27 28.83
CA GLY B 199 -20.99 19.15 29.05
C GLY B 199 -19.67 18.57 28.57
N HIS B 200 -19.71 17.34 28.03
CA HIS B 200 -18.50 16.63 27.54
C HIS B 200 -18.55 16.33 26.03
N HIS B 201 -17.39 16.13 25.43
CA HIS B 201 -17.26 15.90 23.98
C HIS B 201 -16.74 14.51 23.64
N SER B 202 -16.39 13.77 24.68
CA SER B 202 -15.87 12.44 24.51
C SER B 202 -15.82 11.72 25.83
N VAL B 203 -15.50 10.43 25.77
CA VAL B 203 -15.25 9.65 26.97
C VAL B 203 -13.89 9.02 26.90
N THR B 204 -13.18 9.05 28.04
CA THR B 204 -11.90 8.44 28.21
C THR B 204 -12.16 7.18 29.03
N GLY B 205 -11.94 6.03 28.42
CA GLY B 205 -12.02 4.75 29.12
C GLY B 205 -10.68 4.31 29.55
N ARG B 206 -10.42 4.30 30.84
CA ARG B 206 -9.07 4.08 31.34
C ARG B 206 -8.99 2.80 32.14
N PRO B 207 -8.28 1.79 31.65
CA PRO B 207 -8.15 0.55 32.40
C PRO B 207 -7.58 0.81 33.80
N SER B 208 -8.22 0.27 34.83
CA SER B 208 -7.64 0.36 36.16
C SER B 208 -7.14 -0.96 36.80
N VAL B 209 -7.25 -2.11 36.12
CA VAL B 209 -6.66 -3.38 36.64
C VAL B 209 -5.34 -3.72 35.93
N ASN B 210 -5.35 -3.70 34.60
CA ASN B 210 -4.11 -3.93 33.85
C ASN B 210 -3.33 -2.62 33.75
N GLY B 211 -2.26 -2.52 34.54
CA GLY B 211 -1.50 -1.28 34.61
C GLY B 211 -0.66 -1.05 33.38
N LEU B 212 -0.58 -2.03 32.45
CA LEU B 212 0.09 -1.78 31.17
C LEU B 212 -0.84 -1.43 30.02
N ALA B 213 -2.14 -1.49 30.26
CA ALA B 213 -3.13 -1.18 29.25
C ALA B 213 -3.34 0.31 29.20
N LEU B 214 -3.21 0.87 27.99
CA LEU B 214 -3.41 2.30 27.79
C LEU B 214 -4.91 2.61 27.59
N ALA B 215 -5.24 3.89 27.51
CA ALA B 215 -6.66 4.32 27.42
C ALA B 215 -7.30 4.06 26.05
N GLU B 216 -8.62 3.93 26.09
CA GLU B 216 -9.48 3.95 24.89
C GLU B 216 -10.30 5.22 24.94
N TYR B 217 -10.72 5.73 23.79
CA TYR B 217 -11.45 6.98 23.75
C TYR B 217 -12.63 6.82 22.83
N VAL B 218 -13.75 7.44 23.20
CA VAL B 218 -14.99 7.33 22.45
C VAL B 218 -15.46 8.75 22.10
N ILE B 219 -15.74 8.94 20.82
CA ILE B 219 -16.39 10.15 20.33
C ILE B 219 -17.76 9.81 19.77
N TYR B 220 -18.65 10.78 19.77
CA TYR B 220 -20.03 10.56 19.37
C TYR B 220 -20.40 11.30 18.09
N ARG B 221 -19.42 11.96 17.51
CA ARG B 221 -19.59 12.72 16.27
C ARG B 221 -18.41 12.34 15.37
N GLY B 222 -18.69 11.79 14.19
CA GLY B 222 -17.63 11.43 13.23
C GLY B 222 -16.73 12.56 12.78
N GLU B 223 -17.26 13.80 12.81
CA GLU B 223 -16.48 14.97 12.47
C GLU B 223 -15.36 15.26 13.46
N GLN B 224 -15.33 14.59 14.62
CA GLN B 224 -14.25 14.77 15.61
C GLN B 224 -13.07 13.84 15.41
N ALA B 225 -13.03 13.14 14.27
CA ALA B 225 -11.82 12.38 13.91
C ALA B 225 -11.45 12.55 12.44
N TYR B 226 -10.15 12.57 12.17
CA TYR B 226 -9.68 12.64 10.81
C TYR B 226 -8.62 11.56 10.62
N PRO B 227 -8.80 10.67 9.63
CA PRO B 227 -7.85 9.58 9.39
C PRO B 227 -6.59 10.06 8.69
N GLU B 228 -5.57 10.38 9.44
CA GLU B 228 -4.40 11.02 8.89
C GLU B 228 -3.44 10.08 8.16
N TYR B 229 -3.24 8.89 8.71
CA TYR B 229 -2.35 7.89 8.16
C TYR B 229 -3.06 6.54 8.01
N LEU B 230 -2.77 5.88 6.91
CA LEU B 230 -3.22 4.52 6.60
C LEU B 230 -1.99 3.66 6.61
N ILE B 231 -1.98 2.70 7.53
CA ILE B 231 -0.81 1.88 7.79
C ILE B 231 -1.10 0.43 7.38
N THR B 232 -0.25 -0.13 6.52
CA THR B 232 -0.38 -1.51 6.03
C THR B 232 0.71 -2.32 6.65
N TYR B 233 0.35 -3.47 7.22
CA TYR B 233 1.24 -4.23 8.06
C TYR B 233 0.90 -5.71 8.18
N GLN B 234 1.86 -6.49 8.66
CA GLN B 234 1.58 -7.81 9.14
C GLN B 234 1.93 -7.92 10.62
N ILE B 235 1.20 -8.75 11.35
CA ILE B 235 1.70 -9.13 12.68
C ILE B 235 2.81 -10.17 12.45
N MET B 236 3.79 -10.21 13.35
CA MET B 236 4.92 -11.10 13.20
C MET B 236 4.82 -12.24 14.27
N ARG B 237 5.08 -13.46 13.82
CA ARG B 237 5.12 -14.62 14.72
C ARG B 237 6.32 -14.50 15.65
N PRO B 238 6.11 -14.58 16.99
CA PRO B 238 7.24 -14.47 17.93
C PRO B 238 8.26 -15.59 17.70
N GLU B 239 9.55 -15.29 17.88
CA GLU B 239 10.61 -16.34 17.85
C GLU B 239 10.66 -17.08 19.16
ZN ZN C . 10.76 17.43 -17.54
OAA BPU D . 7.61 -1.32 -12.86
BR BPU D . 13.06 0.13 -8.05
CAC BPU D . 5.32 -2.21 -9.34
CAD BPU D . 10.40 -0.70 -7.30
CAE BPU D . 5.72 -2.07 -10.64
CAF BPU D . 9.10 -1.12 -7.60
CAG BPU D . 6.34 -1.92 -8.49
CAH BPU D . 10.83 -0.46 -9.65
NAI BPU D . 9.17 -0.89 -11.30
CAJ BPU D . 11.24 -0.37 -8.34
CAK BPU D . 7.90 -1.31 -11.67
CAL BPU D . 9.56 -0.87 -9.96
CAM BPU D . 6.99 -1.68 -10.64
CAN BPU D . 8.68 -1.17 -8.95
NAO BPU D . 7.37 -1.57 -9.27
S SO4 E . -2.13 2.95 -6.64
O1 SO4 E . -1.32 2.05 -7.37
O2 SO4 E . -3.48 3.21 -7.15
O3 SO4 E . -1.99 2.87 -5.20
O4 SO4 E . -1.40 4.24 -6.78
S SO4 F . -7.39 12.77 -22.63
O1 SO4 F . -7.91 14.12 -22.89
O2 SO4 F . -8.09 11.72 -23.37
O3 SO4 F . -7.65 12.59 -21.21
O4 SO4 F . -5.94 12.68 -22.93
S SO4 G . 13.65 -17.86 -6.12
O1 SO4 G . 13.60 -19.18 -6.75
O2 SO4 G . 12.41 -17.19 -6.44
O3 SO4 G . 13.85 -17.91 -4.65
O4 SO4 G . 14.76 -17.10 -6.66
ZN ZN H . -4.62 -14.89 6.07
OAA BPU I . -9.68 0.66 16.98
BR BPU I . -16.45 -1.39 14.97
CAC BPU I . -11.12 0.01 21.01
CAD BPU I . -15.52 -1.28 17.68
CAE BPU I . -10.37 0.33 19.94
CAF BPU I . -14.59 -1.01 18.66
CAG BPU I . -12.34 -0.40 20.56
CAH BPU I . -13.93 -0.67 15.95
NAI BPU I . -11.78 0.05 16.50
CAJ BPU I . -15.18 -1.10 16.36
CAK BPU I . -10.79 0.31 17.43
CAL BPU I . -13.00 -0.39 16.92
CAM BPU I . -11.09 0.14 18.81
CAN BPU I . -13.33 -0.57 18.27
NAO BPU I . -12.34 -0.29 19.24
S SO4 J . -7.53 -6.85 26.66
O1 SO4 J . -8.72 -7.17 27.39
O2 SO4 J . -7.65 -7.96 25.71
O3 SO4 J . -7.62 -5.74 25.77
O4 SO4 J . -6.23 -7.10 27.30
S SO4 K . 9.76 -11.58 18.70
O1 SO4 K . 10.37 -12.90 18.51
O2 SO4 K . 8.90 -11.23 17.53
O3 SO4 K . 8.99 -11.67 19.92
O4 SO4 K . 10.71 -10.52 18.84
C1 GOL L . 3.99 5.83 22.71
O1 GOL L . 4.85 4.84 23.33
C2 GOL L . 2.97 6.78 23.41
O2 GOL L . 3.52 7.92 24.14
C3 GOL L . 1.90 6.12 24.27
O3 GOL L . 0.60 6.72 24.17
#